data_8CG9
#
_entry.id   8CG9
#
_cell.length_a   51.522
_cell.length_b   57.148
_cell.length_c   113.903
_cell.angle_alpha   90.000
_cell.angle_beta   90.000
_cell.angle_gamma   90.000
#
_symmetry.space_group_name_H-M   'P 21 21 21'
#
loop_
_entity.id
_entity.type
_entity.pdbx_description
1 polymer 'DNA cross-link repair 1A protein'
2 non-polymer 'NICKEL (II) ION'
3 non-polymer 1-[[(3~{R})-2,3-dihydro-1,4-benzodioxin-3-yl]methyl]-3-oxidanyl-thieno[3,2-d]pyrimidine-2,4-dione
4 non-polymer 1-[(2S)-2,3-dihydro-1,4-benzodioxin-2-ylmethyl]-3-hydroxythieno[3,2-d]pyrimidine-2,4(1H,3H)-dione
5 non-polymer 'ZINC ION'
6 non-polymer 'SULFATE ION'
7 water water
#
_entity_poly.entity_id   1
_entity_poly.type   'polypeptide(L)'
_entity_poly.pdbx_seq_one_letter_code
;SMKKTCPFYKKIPGTGFTVDAFQYGVVEGCTAYFLTHFHSDHYAGLSKHFTFPVYCSEITGNLLKNKLHVQEQYIHPLPL
DTECIVNGVKVVLLDANHCPGAVMILFYLPNGTVILHTGDFRADPSMERSLLADQKVHMLYLDTTYCSPEYTFPSQQEVI
RFAINTAFEAVTLNPHALVVCGTYSIGKEKVFLAIADVLGSKVGMSQEKYKTLQCLNIPEINSLITTDMCSSLVHLLPMM
QINFKGLQSHLKKCGGKYNQILAFRPTGWTHSNKFTRIADVIPQTKGNISIYGIPYSEHSSYLEMKRFVQWLKPQKIIPT
VNVGTWKSRSTMEKYFREWKLEAGY
;
_entity_poly.pdbx_strand_id   A
#
loop_
_chem_comp.id
_chem_comp.type
_chem_comp.name
_chem_comp.formula
NI non-polymer 'NICKEL (II) ION' 'Ni 2'
R3Z non-polymer 1-[(2S)-2,3-dihydro-1,4-benzodioxin-2-ylmethyl]-3-hydroxythieno[3,2-d]pyrimidine-2,4(1H,3H)-dione 'C15 H12 N2 O5 S'
SO4 non-polymer 'SULFATE ION' 'O4 S -2'
XOB non-polymer 1-[[(3~{R})-2,3-dihydro-1,4-benzodioxin-3-yl]methyl]-3-oxidanyl-thieno[3,2-d]pyrimidine-2,4-dione 'C15 H12 N2 O5 S'
ZN non-polymer 'ZINC ION' 'Zn 2'
#
# COMPACT_ATOMS: atom_id res chain seq x y z
N THR A 5 1.28 -16.85 18.79
CA THR A 5 0.12 -17.49 18.20
C THR A 5 -0.59 -16.53 17.25
N CYS A 6 -1.23 -17.08 16.23
CA CYS A 6 -1.96 -16.27 15.26
C CYS A 6 -3.08 -15.52 15.97
N PRO A 7 -3.18 -14.20 15.79
CA PRO A 7 -4.21 -13.45 16.51
C PRO A 7 -5.59 -13.71 15.95
N PHE A 8 -6.59 -13.41 16.79
CA PHE A 8 -7.99 -13.62 16.42
C PHE A 8 -8.36 -12.83 15.17
N TYR A 9 -7.82 -11.61 15.02
CA TYR A 9 -8.23 -10.75 13.91
C TYR A 9 -7.59 -11.12 12.59
N LYS A 10 -6.78 -12.19 12.55
CA LYS A 10 -6.21 -12.70 11.30
C LYS A 10 -6.86 -14.00 10.85
N LYS A 11 -7.92 -14.44 11.53
CA LYS A 11 -8.62 -15.66 11.19
C LYS A 11 -10.05 -15.34 10.76
N ILE A 12 -10.55 -16.05 9.76
CA ILE A 12 -11.88 -15.83 9.20
C ILE A 12 -12.84 -16.83 9.86
N PRO A 13 -13.78 -16.38 10.68
CA PRO A 13 -14.65 -17.33 11.40
C PRO A 13 -15.48 -18.15 10.43
N GLY A 14 -15.73 -19.40 10.80
CA GLY A 14 -16.49 -20.31 9.97
C GLY A 14 -15.75 -20.86 8.78
N THR A 15 -14.48 -20.53 8.59
CA THR A 15 -13.65 -21.07 7.53
C THR A 15 -12.33 -21.52 8.10
N GLY A 16 -11.52 -22.15 7.25
CA GLY A 16 -10.15 -22.47 7.59
C GLY A 16 -9.20 -21.47 6.96
N PHE A 17 -9.65 -20.22 6.82
CA PHE A 17 -8.88 -19.18 6.14
C PHE A 17 -8.19 -18.27 7.15
N THR A 18 -6.97 -17.86 6.82
CA THR A 18 -6.29 -16.78 7.50
C THR A 18 -6.00 -15.67 6.49
N VAL A 19 -5.68 -14.49 7.02
CA VAL A 19 -5.35 -13.33 6.21
C VAL A 19 -4.09 -12.71 6.77
N ASP A 20 -3.05 -12.60 5.94
CA ASP A 20 -1.79 -11.93 6.30
C ASP A 20 -1.19 -12.53 7.57
N ALA A 21 -1.17 -13.87 7.66
CA ALA A 21 -0.72 -14.59 8.85
C ALA A 21 0.35 -15.59 8.45
N PHE A 22 1.58 -15.11 8.24
CA PHE A 22 2.69 -15.96 7.85
C PHE A 22 3.84 -15.96 8.84
N GLN A 23 3.73 -15.25 9.96
CA GLN A 23 4.78 -15.16 10.96
C GLN A 23 4.44 -15.93 12.24
N TYR A 24 3.48 -16.84 12.16
CA TYR A 24 3.06 -17.64 13.31
C TYR A 24 3.23 -19.13 13.07
N GLY A 25 4.09 -19.50 12.12
CA GLY A 25 4.25 -20.90 11.77
C GLY A 25 3.03 -21.42 11.02
N VAL A 26 2.76 -22.71 11.22
CA VAL A 26 1.55 -23.32 10.69
C VAL A 26 0.41 -23.04 11.65
N VAL A 27 -0.58 -22.28 11.18
CA VAL A 27 -1.74 -21.98 12.01
C VAL A 27 -2.67 -23.18 12.02
N GLU A 28 -3.02 -23.65 13.22
CA GLU A 28 -3.81 -24.86 13.37
C GLU A 28 -5.18 -24.69 12.73
N GLY A 29 -5.50 -25.57 11.77
CA GLY A 29 -6.78 -25.55 11.09
C GLY A 29 -6.82 -24.79 9.78
N CYS A 30 -5.76 -24.04 9.46
CA CYS A 30 -5.79 -23.16 8.29
C CYS A 30 -5.58 -23.98 7.02
N THR A 31 -6.53 -23.87 6.08
CA THR A 31 -6.43 -24.54 4.79
C THR A 31 -6.00 -23.60 3.66
N ALA A 32 -6.22 -22.30 3.79
CA ALA A 32 -5.85 -21.34 2.77
C ALA A 32 -5.33 -20.07 3.44
N TYR A 33 -4.14 -19.65 3.05
CA TYR A 33 -3.50 -18.44 3.58
C TYR A 33 -3.69 -17.34 2.55
N PHE A 34 -4.47 -16.32 2.90
CA PHE A 34 -4.67 -15.19 2.00
C PHE A 34 -3.63 -14.11 2.27
N LEU A 35 -3.17 -13.46 1.20
CA LEU A 35 -2.23 -12.35 1.30
C LEU A 35 -2.83 -11.15 0.59
N THR A 36 -3.13 -10.09 1.36
CA THR A 36 -3.84 -8.93 0.80
C THR A 36 -2.94 -8.12 -0.14
N HIS A 37 -1.65 -8.02 0.16
CA HIS A 37 -0.75 -7.23 -0.67
C HIS A 37 0.69 -7.50 -0.27
N PHE A 38 1.61 -7.07 -1.14
CA PHE A 38 3.03 -7.39 -0.97
C PHE A 38 3.74 -6.27 -0.21
N HIS A 39 3.36 -6.16 1.07
CA HIS A 39 4.03 -5.30 2.03
C HIS A 39 4.58 -6.14 3.17
N SER A 40 5.78 -5.78 3.66
CA SER A 40 6.55 -6.69 4.49
C SER A 40 5.83 -7.02 5.80
N ASP A 41 5.17 -6.02 6.41
CA ASP A 41 4.45 -6.29 7.65
C ASP A 41 3.37 -7.35 7.46
N HIS A 42 2.96 -7.61 6.21
CA HIS A 42 1.85 -8.50 5.92
C HIS A 42 2.26 -9.85 5.34
N TYR A 43 3.34 -9.91 4.55
CA TYR A 43 3.87 -11.19 4.12
C TYR A 43 4.98 -11.70 5.02
N ALA A 44 5.24 -11.02 6.14
CA ALA A 44 6.31 -11.40 7.06
C ALA A 44 6.22 -12.87 7.43
N GLY A 45 7.31 -13.60 7.20
CA GLY A 45 7.38 -15.02 7.43
C GLY A 45 7.28 -15.86 6.17
N LEU A 46 6.71 -15.31 5.11
CA LEU A 46 6.64 -16.01 3.83
C LEU A 46 8.04 -16.11 3.22
N SER A 47 8.36 -17.29 2.69
CA SER A 47 9.67 -17.53 2.09
C SER A 47 9.53 -18.62 1.05
N LYS A 48 10.65 -18.95 0.38
CA LYS A 48 10.66 -20.03 -0.58
C LYS A 48 10.31 -21.37 0.06
N HIS A 49 10.49 -21.50 1.37
CA HIS A 49 10.23 -22.74 2.08
C HIS A 49 8.77 -22.88 2.52
N PHE A 50 7.93 -21.87 2.27
CA PHE A 50 6.52 -21.99 2.62
C PHE A 50 5.87 -23.07 1.76
N THR A 51 5.03 -23.89 2.39
CA THR A 51 4.58 -25.14 1.78
C THR A 51 3.06 -25.26 1.71
N PHE A 52 2.31 -24.18 1.96
CA PHE A 52 0.86 -24.19 1.99
C PHE A 52 0.30 -23.23 0.93
N PRO A 53 -0.97 -23.39 0.55
CA PRO A 53 -1.53 -22.58 -0.55
C PRO A 53 -1.73 -21.12 -0.14
N VAL A 54 -1.31 -20.22 -1.02
CA VAL A 54 -1.43 -18.78 -0.81
C VAL A 54 -2.34 -18.20 -1.89
N TYR A 55 -3.39 -17.50 -1.46
CA TYR A 55 -4.33 -16.86 -2.39
C TYR A 55 -4.12 -15.35 -2.36
N CYS A 56 -4.14 -14.74 -3.55
CA CYS A 56 -3.73 -13.34 -3.68
C CYS A 56 -4.10 -12.84 -5.07
N SER A 57 -3.82 -11.56 -5.32
CA SER A 57 -4.03 -11.01 -6.65
C SER A 57 -2.94 -11.48 -7.59
N GLU A 58 -3.15 -11.25 -8.89
CA GLU A 58 -2.14 -11.58 -9.89
C GLU A 58 -0.83 -10.82 -9.63
N ILE A 59 -0.93 -9.53 -9.29
CA ILE A 59 0.29 -8.74 -9.10
C ILE A 59 1.06 -9.25 -7.89
N THR A 60 0.36 -9.48 -6.78
CA THR A 60 1.01 -10.05 -5.61
C THR A 60 1.63 -11.41 -5.93
N GLY A 61 0.96 -12.18 -6.79
CA GLY A 61 1.51 -13.47 -7.20
C GLY A 61 2.84 -13.33 -7.91
N ASN A 62 2.94 -12.36 -8.83
CA ASN A 62 4.21 -12.10 -9.50
C ASN A 62 5.31 -11.79 -8.49
N LEU A 63 4.98 -10.98 -7.47
CA LEU A 63 5.97 -10.58 -6.49
C LEU A 63 6.36 -11.75 -5.59
N LEU A 64 5.39 -12.59 -5.21
CA LEU A 64 5.73 -13.80 -4.44
C LEU A 64 6.70 -14.67 -5.22
N LYS A 65 6.40 -14.91 -6.50
CA LYS A 65 7.25 -15.77 -7.31
C LYS A 65 8.63 -15.15 -7.53
N ASN A 66 8.67 -13.90 -7.96
CA ASN A 66 9.91 -13.31 -8.44
C ASN A 66 10.76 -12.69 -7.34
N LYS A 67 10.15 -12.19 -6.27
CA LYS A 67 10.92 -11.55 -5.20
C LYS A 67 11.13 -12.45 -3.99
N LEU A 68 10.09 -13.17 -3.56
CA LEU A 68 10.22 -14.08 -2.41
C LEU A 68 10.62 -15.49 -2.81
N HIS A 69 10.48 -15.85 -4.09
CA HIS A 69 10.84 -17.17 -4.61
C HIS A 69 9.94 -18.27 -4.04
N VAL A 70 8.71 -17.92 -3.69
CA VAL A 70 7.70 -18.92 -3.37
C VAL A 70 7.48 -19.81 -4.59
N GLN A 71 7.41 -21.12 -4.36
CA GLN A 71 7.15 -22.06 -5.45
C GLN A 71 5.83 -21.73 -6.13
N GLU A 72 5.81 -21.88 -7.45
CA GLU A 72 4.61 -21.56 -8.23
C GLU A 72 3.43 -22.44 -7.82
N GLN A 73 3.70 -23.65 -7.32
CA GLN A 73 2.62 -24.58 -7.00
C GLN A 73 1.76 -24.12 -5.83
N TYR A 74 2.29 -23.28 -4.94
CA TYR A 74 1.57 -22.78 -3.80
C TYR A 74 0.95 -21.40 -4.03
N ILE A 75 1.12 -20.82 -5.22
CA ILE A 75 0.65 -19.48 -5.52
C ILE A 75 -0.61 -19.60 -6.35
N HIS A 76 -1.74 -19.14 -5.81
CA HIS A 76 -3.04 -19.20 -6.48
C HIS A 76 -3.57 -17.79 -6.69
N PRO A 77 -3.28 -17.17 -7.83
CA PRO A 77 -3.79 -15.83 -8.09
C PRO A 77 -5.25 -15.85 -8.50
N LEU A 78 -5.95 -14.79 -8.11
CA LEU A 78 -7.36 -14.63 -8.40
C LEU A 78 -7.61 -13.29 -9.09
N PRO A 79 -8.52 -13.25 -10.05
CA PRO A 79 -8.85 -11.99 -10.70
C PRO A 79 -9.69 -11.10 -9.79
N LEU A 80 -9.69 -9.81 -10.12
CA LEU A 80 -10.47 -8.83 -9.38
C LEU A 80 -11.92 -8.84 -9.82
N ASP A 81 -12.81 -8.44 -8.91
CA ASP A 81 -14.23 -8.22 -9.21
C ASP A 81 -14.86 -9.48 -9.80
N THR A 82 -14.38 -10.64 -9.41
CA THR A 82 -14.83 -11.91 -9.96
C THR A 82 -15.19 -12.86 -8.84
N GLU A 83 -16.39 -13.42 -8.90
CA GLU A 83 -16.80 -14.43 -7.92
C GLU A 83 -16.01 -15.71 -8.15
N CYS A 84 -15.29 -16.17 -7.12
CA CYS A 84 -14.47 -17.37 -7.18
C CYS A 84 -14.77 -18.23 -5.96
N ILE A 85 -14.53 -19.54 -6.07
CA ILE A 85 -14.69 -20.47 -4.97
C ILE A 85 -13.31 -20.93 -4.52
N VAL A 86 -13.07 -20.88 -3.22
CA VAL A 86 -11.84 -21.36 -2.61
C VAL A 86 -12.23 -22.28 -1.46
N ASN A 87 -11.78 -23.54 -1.53
CA ASN A 87 -12.07 -24.54 -0.51
C ASN A 87 -13.55 -24.52 -0.13
N GLY A 88 -14.42 -24.42 -1.14
CA GLY A 88 -15.85 -24.46 -0.93
C GLY A 88 -16.50 -23.14 -0.56
N VAL A 89 -15.75 -22.05 -0.44
CA VAL A 89 -16.28 -20.75 -0.01
C VAL A 89 -16.18 -19.77 -1.18
N LYS A 90 -17.27 -19.05 -1.42
CA LYS A 90 -17.32 -18.01 -2.44
C LYS A 90 -16.57 -16.77 -1.94
N VAL A 91 -15.65 -16.25 -2.76
CA VAL A 91 -14.87 -15.06 -2.40
C VAL A 91 -14.81 -14.13 -3.60
N VAL A 92 -14.61 -12.83 -3.30
CA VAL A 92 -14.41 -11.82 -4.33
C VAL A 92 -13.25 -10.93 -3.88
N LEU A 93 -12.38 -10.59 -4.81
CA LEU A 93 -11.29 -9.65 -4.55
C LEU A 93 -11.64 -8.28 -5.13
N LEU A 94 -11.42 -7.22 -4.35
CA LEU A 94 -11.71 -5.86 -4.76
C LEU A 94 -10.46 -5.01 -4.59
N ASP A 95 -10.26 -4.06 -5.50
CA ASP A 95 -9.11 -3.17 -5.41
C ASP A 95 -9.15 -2.39 -4.09
N ALA A 96 -8.02 -2.34 -3.40
CA ALA A 96 -7.99 -1.72 -2.08
C ALA A 96 -7.53 -0.27 -2.12
N ASN A 97 -7.15 0.24 -3.30
CA ASN A 97 -6.63 1.59 -3.42
C ASN A 97 -5.50 1.83 -2.42
N HIS A 98 -4.60 0.84 -2.33
CA HIS A 98 -3.44 0.87 -1.45
C HIS A 98 -2.24 0.88 -2.37
N CYS A 99 -1.50 -0.20 -2.49
CA CYS A 99 -0.37 -0.31 -3.41
C CYS A 99 -0.75 -1.24 -4.56
N PRO A 100 0.10 -1.33 -5.60
CA PRO A 100 -0.23 -2.24 -6.71
C PRO A 100 -0.48 -3.66 -6.21
N GLY A 101 -1.55 -4.26 -6.71
CA GLY A 101 -1.92 -5.61 -6.34
C GLY A 101 -2.63 -5.76 -5.02
N ALA A 102 -2.85 -4.67 -4.28
CA ALA A 102 -3.50 -4.76 -2.97
C ALA A 102 -5.01 -4.92 -3.12
N VAL A 103 -5.57 -5.86 -2.35
CA VAL A 103 -6.99 -6.18 -2.47
C VAL A 103 -7.66 -6.16 -1.11
N MET A 104 -8.96 -5.92 -1.15
CA MET A 104 -9.88 -6.27 -0.08
C MET A 104 -10.54 -7.61 -0.45
N ILE A 105 -10.94 -8.39 0.54
CA ILE A 105 -11.51 -9.71 0.29
C ILE A 105 -12.91 -9.78 0.87
N LEU A 106 -13.87 -10.17 0.04
CA LEU A 106 -15.24 -10.42 0.46
C LEU A 106 -15.42 -11.93 0.60
N PHE A 107 -15.81 -12.39 1.79
CA PHE A 107 -16.05 -13.79 2.08
C PHE A 107 -17.55 -14.03 2.22
N TYR A 108 -18.09 -14.97 1.45
CA TYR A 108 -19.50 -15.34 1.53
C TYR A 108 -19.59 -16.70 2.23
N LEU A 109 -19.93 -16.67 3.51
CA LEU A 109 -19.99 -17.92 4.24
C LEU A 109 -21.25 -18.70 3.88
N PRO A 110 -21.21 -20.03 4.00
CA PRO A 110 -22.41 -20.83 3.70
C PRO A 110 -23.64 -20.41 4.47
N ASN A 111 -23.50 -20.03 5.75
CA ASN A 111 -24.67 -19.63 6.53
C ASN A 111 -25.23 -18.27 6.15
N GLY A 112 -24.75 -17.62 5.10
CA GLY A 112 -25.23 -16.30 4.75
C GLY A 112 -24.44 -15.16 5.33
N THR A 113 -23.48 -15.43 6.21
CA THR A 113 -22.64 -14.36 6.74
C THR A 113 -21.73 -13.84 5.65
N VAL A 114 -21.61 -12.52 5.56
CA VAL A 114 -20.72 -11.85 4.61
C VAL A 114 -19.69 -11.08 5.40
N ILE A 115 -18.41 -11.32 5.07
CA ILE A 115 -17.29 -10.71 5.78
C ILE A 115 -16.46 -9.95 4.77
N LEU A 116 -16.16 -8.68 5.05
CA LEU A 116 -15.23 -7.90 4.24
C LEU A 116 -13.95 -7.70 5.03
N HIS A 117 -12.83 -8.12 4.46
CA HIS A 117 -11.52 -7.84 5.03
C HIS A 117 -10.86 -6.81 4.13
N THR A 118 -10.58 -5.62 4.68
CA THR A 118 -10.09 -4.53 3.85
C THR A 118 -8.60 -4.64 3.52
N GLY A 119 -7.89 -5.60 4.11
CA GLY A 119 -6.43 -5.55 4.06
C GLY A 119 -5.97 -4.17 4.50
N ASP A 120 -4.94 -3.64 3.83
CA ASP A 120 -4.64 -2.21 3.90
C ASP A 120 -5.39 -1.52 2.77
N PHE A 121 -6.04 -0.40 3.08
CA PHE A 121 -6.78 0.28 2.03
C PHE A 121 -6.81 1.77 2.32
N ARG A 122 -7.06 2.55 1.26
CA ARG A 122 -7.39 3.96 1.39
C ARG A 122 -8.81 4.13 0.91
N ALA A 123 -9.74 4.26 1.86
CA ALA A 123 -11.16 4.37 1.54
C ALA A 123 -11.40 5.51 0.55
N ASP A 124 -12.29 5.25 -0.40
CA ASP A 124 -12.60 6.19 -1.45
C ASP A 124 -14.07 6.05 -1.79
N PRO A 125 -14.76 7.16 -2.14
CA PRO A 125 -16.17 7.04 -2.52
C PRO A 125 -16.43 6.13 -3.71
N SER A 126 -15.43 5.87 -4.55
CA SER A 126 -15.63 4.93 -5.65
C SER A 126 -15.95 3.53 -5.16
N MET A 127 -15.53 3.18 -3.94
CA MET A 127 -15.87 1.89 -3.37
C MET A 127 -17.35 1.78 -3.00
N GLU A 128 -18.00 2.92 -2.77
CA GLU A 128 -19.44 2.93 -2.52
C GLU A 128 -20.24 2.69 -3.78
N ARG A 129 -19.57 2.48 -4.91
CA ARG A 129 -20.19 2.24 -6.21
C ARG A 129 -19.61 0.98 -6.84
N SER A 130 -19.52 -0.08 -6.04
CA SER A 130 -18.85 -1.31 -6.44
C SER A 130 -19.70 -2.49 -5.99
N LEU A 131 -19.10 -3.68 -6.00
CA LEU A 131 -19.80 -4.89 -5.59
C LEU A 131 -20.19 -4.86 -4.11
N LEU A 132 -19.57 -3.98 -3.33
CA LEU A 132 -19.97 -3.83 -1.92
C LEU A 132 -21.39 -3.34 -1.79
N ALA A 133 -21.85 -2.51 -2.73
CA ALA A 133 -23.14 -1.84 -2.60
C ALA A 133 -24.30 -2.83 -2.60
N ASP A 134 -24.13 -4.02 -3.17
CA ASP A 134 -25.21 -4.99 -3.23
C ASP A 134 -25.56 -5.54 -1.85
N GLN A 135 -24.88 -6.60 -1.43
CA GLN A 135 -25.30 -7.32 -0.24
C GLN A 135 -24.79 -6.64 1.03
N LYS A 136 -25.39 -7.04 2.15
CA LYS A 136 -25.02 -6.54 3.46
C LYS A 136 -23.73 -7.23 3.95
N VAL A 137 -22.94 -6.48 4.70
CA VAL A 137 -21.69 -6.98 5.29
C VAL A 137 -21.88 -7.07 6.79
N HIS A 138 -21.68 -8.28 7.35
CA HIS A 138 -21.95 -8.52 8.77
C HIS A 138 -20.72 -8.29 9.64
N MET A 139 -19.53 -8.63 9.15
CA MET A 139 -18.29 -8.39 9.87
C MET A 139 -17.34 -7.64 8.96
N LEU A 140 -16.71 -6.60 9.49
CA LEU A 140 -15.73 -5.80 8.77
C LEU A 140 -14.40 -5.88 9.50
N TYR A 141 -13.39 -6.48 8.87
CA TYR A 141 -12.02 -6.46 9.37
C TYR A 141 -11.35 -5.22 8.78
N LEU A 142 -11.10 -4.22 9.61
CA LEU A 142 -10.89 -2.85 9.16
C LEU A 142 -9.45 -2.38 9.39
N ASP A 143 -8.81 -1.89 8.33
CA ASP A 143 -7.54 -1.19 8.41
C ASP A 143 -7.72 0.12 9.18
N THR A 144 -7.34 0.10 10.46
CA THR A 144 -7.52 1.23 11.36
C THR A 144 -6.24 2.02 11.58
N THR A 145 -5.35 2.08 10.58
CA THR A 145 -4.06 2.73 10.74
C THR A 145 -4.20 4.15 11.29
N TYR A 146 -5.06 4.95 10.69
CA TYR A 146 -5.22 6.36 11.05
C TYR A 146 -6.58 6.63 11.68
N CYS A 147 -7.04 5.72 12.55
CA CYS A 147 -8.33 5.87 13.20
C CYS A 147 -8.22 6.84 14.38
N SER A 148 -7.97 8.09 14.04
CA SER A 148 -7.96 9.18 15.01
C SER A 148 -8.18 10.50 14.29
N PRO A 149 -9.04 11.37 14.79
CA PRO A 149 -9.44 12.56 14.02
C PRO A 149 -8.31 13.55 13.74
N GLU A 150 -7.14 13.43 14.38
CA GLU A 150 -6.03 14.31 14.01
C GLU A 150 -5.44 13.91 12.67
N TYR A 151 -5.71 12.70 12.20
CA TYR A 151 -5.11 12.22 10.95
C TYR A 151 -5.91 12.75 9.78
N THR A 152 -5.50 13.92 9.31
CA THR A 152 -6.00 14.49 8.07
C THR A 152 -4.81 14.66 7.13
N PHE A 153 -4.97 14.28 5.88
CA PHE A 153 -3.95 14.59 4.89
C PHE A 153 -4.65 14.88 3.57
N PRO A 154 -3.96 15.53 2.62
CA PRO A 154 -4.62 15.91 1.37
C PRO A 154 -4.91 14.71 0.51
N SER A 155 -5.64 14.96 -0.57
CA SER A 155 -5.80 13.93 -1.58
C SER A 155 -4.46 13.60 -2.20
N GLN A 156 -4.36 12.39 -2.74
CA GLN A 156 -3.16 12.04 -3.50
C GLN A 156 -2.98 12.97 -4.70
N GLN A 157 -4.09 13.36 -5.33
CA GLN A 157 -4.03 14.31 -6.44
C GLN A 157 -3.37 15.63 -6.02
N GLU A 158 -3.68 16.10 -4.81
CA GLU A 158 -3.10 17.34 -4.32
C GLU A 158 -1.61 17.22 -4.08
N VAL A 159 -1.17 16.12 -3.48
CA VAL A 159 0.25 15.95 -3.17
C VAL A 159 1.06 15.80 -4.45
N ILE A 160 0.51 15.08 -5.44
CA ILE A 160 1.22 14.94 -6.71
C ILE A 160 1.38 16.28 -7.39
N ARG A 161 0.34 17.10 -7.35
CA ARG A 161 0.41 18.43 -7.97
C ARG A 161 1.53 19.25 -7.35
N PHE A 162 1.64 19.24 -6.02
CA PHE A 162 2.73 19.95 -5.35
C PHE A 162 4.08 19.40 -5.77
N ALA A 163 4.22 18.08 -5.81
CA ALA A 163 5.50 17.47 -6.19
C ALA A 163 5.88 17.82 -7.63
N ILE A 164 4.92 17.72 -8.54
CA ILE A 164 5.21 18.01 -9.95
C ILE A 164 5.63 19.46 -10.14
N ASN A 165 4.84 20.39 -9.58
CA ASN A 165 5.18 21.81 -9.68
C ASN A 165 6.55 22.10 -9.05
N THR A 166 6.78 21.56 -7.86
CA THR A 166 8.07 21.77 -7.20
C THR A 166 9.22 21.28 -8.06
N ALA A 167 9.09 20.09 -8.63
CA ALA A 167 10.16 19.51 -9.43
C ALA A 167 10.34 20.26 -10.75
N PHE A 168 9.23 20.52 -11.46
CA PHE A 168 9.34 21.20 -12.75
C PHE A 168 9.97 22.58 -12.59
N GLU A 169 9.54 23.34 -11.58
CA GLU A 169 10.08 24.67 -11.37
C GLU A 169 11.58 24.62 -11.06
N ALA A 170 11.99 23.65 -10.24
CA ALA A 170 13.40 23.58 -9.83
C ALA A 170 14.30 23.18 -10.99
N VAL A 171 13.85 22.28 -11.86
CA VAL A 171 14.69 21.84 -12.96
C VAL A 171 14.65 22.80 -14.15
N THR A 172 13.53 23.48 -14.37
CA THR A 172 13.51 24.53 -15.39
C THR A 172 14.44 25.67 -15.01
N LEU A 173 14.49 26.02 -13.72
CA LEU A 173 15.46 27.00 -13.25
C LEU A 173 16.88 26.48 -13.37
N ASN A 174 17.13 25.30 -12.82
CA ASN A 174 18.46 24.69 -12.85
C ASN A 174 18.39 23.40 -13.66
N PRO A 175 18.75 23.43 -14.94
CA PRO A 175 18.75 22.19 -15.73
C PRO A 175 19.71 21.13 -15.24
N HIS A 176 20.58 21.45 -14.28
CA HIS A 176 21.59 20.52 -13.79
C HIS A 176 21.30 20.08 -12.35
N ALA A 177 20.03 20.08 -11.98
CA ALA A 177 19.60 19.55 -10.69
C ALA A 177 19.08 18.13 -10.85
N LEU A 178 19.24 17.33 -9.81
CA LEU A 178 18.79 15.94 -9.78
C LEU A 178 17.61 15.81 -8.83
N VAL A 179 16.61 15.03 -9.24
CA VAL A 179 15.48 14.70 -8.39
C VAL A 179 15.64 13.27 -7.92
N VAL A 180 15.50 13.06 -6.61
CA VAL A 180 15.59 11.74 -6.00
C VAL A 180 14.30 11.48 -5.24
N CYS A 181 13.79 10.26 -5.36
CA CYS A 181 12.60 9.83 -4.64
C CYS A 181 12.94 8.62 -3.78
N GLY A 182 12.62 8.71 -2.49
CA GLY A 182 12.85 7.59 -1.59
C GLY A 182 11.76 6.56 -1.70
N THR A 183 12.16 5.31 -1.93
CA THR A 183 11.23 4.20 -2.03
C THR A 183 11.74 3.04 -1.18
N TYR A 184 10.80 2.31 -0.58
CA TYR A 184 11.13 1.02 0.02
C TYR A 184 10.10 -0.01 -0.41
N SER A 185 8.94 0.00 0.24
CA SER A 185 7.86 -0.87 -0.20
C SER A 185 7.37 -0.45 -1.59
N ILE A 186 6.70 -1.38 -2.28
CA ILE A 186 5.92 -0.99 -3.45
C ILE A 186 4.86 0.00 -3.00
N GLY A 187 4.23 0.66 -3.94
CA GLY A 187 3.30 1.70 -3.58
C GLY A 187 3.91 3.07 -3.79
N LYS A 188 3.04 4.05 -4.01
CA LYS A 188 3.41 5.45 -4.19
C LYS A 188 4.24 5.67 -5.44
N GLU A 189 4.13 4.76 -6.42
CA GLU A 189 4.82 4.91 -7.69
C GLU A 189 4.41 6.18 -8.41
N LYS A 190 3.16 6.64 -8.20
CA LYS A 190 2.70 7.84 -8.87
C LYS A 190 3.60 9.04 -8.58
N VAL A 191 4.24 9.06 -7.41
CA VAL A 191 5.12 10.17 -7.06
C VAL A 191 6.25 10.31 -8.07
N PHE A 192 7.07 9.26 -8.21
CA PHE A 192 8.23 9.40 -9.09
C PHE A 192 7.84 9.31 -10.56
N LEU A 193 6.77 8.58 -10.88
CA LEU A 193 6.33 8.50 -12.28
C LEU A 193 5.78 9.84 -12.77
N ALA A 194 5.03 10.55 -11.92
CA ALA A 194 4.51 11.85 -12.33
C ALA A 194 5.64 12.87 -12.47
N ILE A 195 6.60 12.85 -11.55
CA ILE A 195 7.74 13.78 -11.63
C ILE A 195 8.52 13.55 -12.91
N ALA A 196 8.85 12.28 -13.19
CA ALA A 196 9.60 11.96 -14.40
C ALA A 196 8.83 12.40 -15.64
N ASP A 197 7.53 12.14 -15.68
CA ASP A 197 6.72 12.48 -16.85
C ASP A 197 6.78 13.98 -17.15
N VAL A 198 6.69 14.81 -16.11
CA VAL A 198 6.70 16.26 -16.34
C VAL A 198 8.10 16.76 -16.70
N LEU A 199 9.14 16.01 -16.37
CA LEU A 199 10.51 16.39 -16.70
C LEU A 199 11.01 15.73 -17.98
N GLY A 200 10.14 15.02 -18.69
CA GLY A 200 10.57 14.30 -19.88
C GLY A 200 11.71 13.34 -19.62
N SER A 201 11.69 12.66 -18.49
CA SER A 201 12.79 11.80 -18.08
C SER A 201 12.26 10.41 -17.73
N LYS A 202 13.15 9.43 -17.78
CA LYS A 202 12.84 8.15 -17.17
C LYS A 202 13.31 8.16 -15.72
N VAL A 203 12.91 7.14 -14.97
CA VAL A 203 13.31 6.99 -13.58
C VAL A 203 14.39 5.92 -13.51
N GLY A 204 15.57 6.29 -13.04
CA GLY A 204 16.63 5.33 -12.82
C GLY A 204 16.59 4.75 -11.41
N MET A 205 16.98 3.48 -11.30
CA MET A 205 16.89 2.76 -10.05
C MET A 205 17.84 1.58 -10.10
N SER A 206 18.03 0.95 -8.93
CA SER A 206 18.83 -0.27 -8.88
C SER A 206 18.14 -1.39 -9.65
N GLN A 207 18.91 -2.46 -9.91
CA GLN A 207 18.35 -3.60 -10.62
C GLN A 207 17.26 -4.29 -9.82
N GLU A 208 17.43 -4.38 -8.50
CA GLU A 208 16.44 -5.04 -7.66
C GLU A 208 15.11 -4.28 -7.68
N LYS A 209 15.15 -2.96 -7.77
CA LYS A 209 13.92 -2.16 -7.82
C LYS A 209 13.28 -2.20 -9.19
N TYR A 210 14.10 -2.18 -10.25
CA TYR A 210 13.57 -2.35 -11.60
C TYR A 210 12.81 -3.67 -11.71
N LYS A 211 13.37 -4.75 -11.17
CA LYS A 211 12.72 -6.05 -11.18
C LYS A 211 11.40 -6.01 -10.44
N THR A 212 11.35 -5.32 -9.29
CA THR A 212 10.10 -5.19 -8.56
C THR A 212 9.03 -4.50 -9.40
N LEU A 213 9.38 -3.37 -10.02
CA LEU A 213 8.41 -2.64 -10.82
C LEU A 213 7.96 -3.44 -12.03
N GLN A 214 8.83 -4.31 -12.57
CA GLN A 214 8.45 -5.14 -13.70
C GLN A 214 7.36 -6.14 -13.36
N CYS A 215 7.15 -6.44 -12.06
CA CYS A 215 6.11 -7.36 -11.65
C CYS A 215 4.73 -6.71 -11.51
N LEU A 216 4.64 -5.38 -11.62
CA LEU A 216 3.44 -4.66 -11.20
C LEU A 216 2.40 -4.49 -12.31
N ASN A 217 2.69 -4.94 -13.54
CA ASN A 217 1.75 -4.81 -14.65
C ASN A 217 1.30 -3.36 -14.84
N ILE A 218 2.25 -2.44 -14.73
CA ILE A 218 1.97 -1.03 -15.01
C ILE A 218 1.99 -0.83 -16.52
N PRO A 219 0.96 -0.21 -17.10
CA PRO A 219 0.96 0.02 -18.55
C PRO A 219 2.14 0.88 -18.99
N GLU A 220 2.81 0.45 -20.06
CA GLU A 220 3.93 1.19 -20.64
C GLU A 220 5.02 1.47 -19.60
N ILE A 221 5.40 0.43 -18.88
CA ILE A 221 6.38 0.62 -17.81
C ILE A 221 7.80 0.69 -18.36
N ASN A 222 8.09 0.00 -19.46
CA ASN A 222 9.42 0.06 -20.05
C ASN A 222 9.73 1.43 -20.63
N SER A 223 8.70 2.24 -20.89
CA SER A 223 8.90 3.58 -21.42
C SER A 223 9.20 4.61 -20.34
N LEU A 224 9.10 4.26 -19.05
CA LEU A 224 9.29 5.23 -17.99
C LEU A 224 10.37 4.87 -16.96
N ILE A 225 10.84 3.62 -16.91
CA ILE A 225 11.86 3.25 -15.95
C ILE A 225 13.07 2.67 -16.69
N THR A 226 14.20 2.69 -16.01
CA THR A 226 15.46 2.25 -16.58
C THR A 226 16.44 1.92 -15.47
N THR A 227 17.44 1.09 -15.78
CA THR A 227 18.52 0.80 -14.85
C THR A 227 19.73 1.71 -15.08
N ASP A 228 19.73 2.47 -16.16
CA ASP A 228 20.83 3.40 -16.47
C ASP A 228 20.65 4.65 -15.63
N MET A 229 21.36 4.69 -14.50
CA MET A 229 21.28 5.83 -13.57
C MET A 229 21.69 7.13 -14.25
N CYS A 230 22.76 7.10 -15.03
CA CYS A 230 23.33 8.33 -15.59
C CYS A 230 22.34 9.05 -16.50
N SER A 231 21.53 8.30 -17.23
CA SER A 231 20.70 8.90 -18.27
C SER A 231 19.48 9.63 -17.72
N SER A 232 19.10 9.37 -16.46
CA SER A 232 17.83 9.83 -15.93
C SER A 232 18.01 11.01 -15.00
N LEU A 233 17.03 11.91 -15.02
CA LEU A 233 16.98 13.06 -14.12
C LEU A 233 16.21 12.77 -12.83
N VAL A 234 15.59 11.59 -12.72
CA VAL A 234 14.88 11.18 -11.52
C VAL A 234 15.45 9.84 -11.08
N HIS A 235 15.93 9.75 -9.84
CA HIS A 235 16.55 8.55 -9.32
C HIS A 235 15.75 8.03 -8.12
N LEU A 236 15.55 6.72 -8.08
CA LEU A 236 15.02 6.08 -6.88
C LEU A 236 16.18 5.63 -6.01
N LEU A 237 16.10 5.94 -4.72
CA LEU A 237 17.08 5.45 -3.77
C LEU A 237 16.36 4.82 -2.59
N PRO A 238 17.01 3.86 -1.92
CA PRO A 238 16.47 3.35 -0.66
C PRO A 238 16.17 4.50 0.29
N MET A 239 15.04 4.41 0.99
CA MET A 239 14.58 5.53 1.81
C MET A 239 15.60 5.89 2.89
N MET A 240 16.33 4.90 3.40
CA MET A 240 17.34 5.17 4.42
C MET A 240 18.54 5.94 3.87
N GLN A 241 18.65 6.06 2.56
CA GLN A 241 19.68 6.90 1.93
C GLN A 241 19.17 8.29 1.64
N ILE A 242 17.91 8.59 1.95
CA ILE A 242 17.35 9.92 1.75
C ILE A 242 17.71 10.77 2.96
N ASN A 243 18.97 11.21 2.99
CA ASN A 243 19.46 12.12 4.01
C ASN A 243 20.62 12.91 3.42
N PHE A 244 21.04 13.95 4.13
CA PHE A 244 22.08 14.82 3.60
C PHE A 244 23.39 14.09 3.37
N LYS A 245 23.70 13.12 4.24
CA LYS A 245 24.90 12.32 4.04
C LYS A 245 24.79 11.44 2.81
N GLY A 246 23.64 10.77 2.63
CA GLY A 246 23.47 9.87 1.50
C GLY A 246 23.31 10.61 0.18
N LEU A 247 22.57 11.73 0.19
CA LEU A 247 22.37 12.48 -1.03
C LEU A 247 23.65 13.18 -1.48
N GLN A 248 24.54 13.52 -0.55
CA GLN A 248 25.84 14.03 -0.94
C GLN A 248 26.70 12.91 -1.55
N SER A 249 26.68 11.73 -0.93
CA SER A 249 27.40 10.59 -1.51
C SER A 249 26.87 10.26 -2.89
N HIS A 250 25.55 10.16 -3.01
CA HIS A 250 24.92 9.92 -4.31
C HIS A 250 25.20 11.07 -5.29
N LEU A 251 25.38 12.28 -4.76
CA LEU A 251 25.71 13.42 -5.61
C LEU A 251 27.06 13.22 -6.31
N LYS A 252 28.03 12.67 -5.59
CA LYS A 252 29.36 12.48 -6.17
C LYS A 252 29.39 11.36 -7.18
N LYS A 253 28.58 10.32 -6.97
CA LYS A 253 28.66 9.11 -7.79
C LYS A 253 28.22 9.33 -9.23
N CYS A 254 27.51 10.42 -9.52
CA CYS A 254 26.98 10.65 -10.85
C CYS A 254 28.00 11.32 -11.77
N GLY A 255 29.22 10.78 -11.79
CA GLY A 255 30.28 11.29 -12.64
C GLY A 255 30.52 12.78 -12.49
N GLY A 256 30.32 13.30 -11.29
CA GLY A 256 30.49 14.72 -11.07
C GLY A 256 29.42 15.61 -11.68
N LYS A 257 28.39 15.03 -12.30
CA LYS A 257 27.30 15.83 -12.81
C LYS A 257 26.26 16.06 -11.69
N TYR A 258 25.26 16.89 -12.01
CA TYR A 258 24.24 17.32 -11.04
C TYR A 258 24.87 18.16 -9.94
N ASN A 259 24.62 19.47 -9.95
CA ASN A 259 25.11 20.35 -8.89
C ASN A 259 24.07 20.61 -7.81
N GLN A 260 22.93 19.93 -7.87
CA GLN A 260 21.85 20.15 -6.92
C GLN A 260 20.99 18.90 -6.88
N ILE A 261 20.51 18.54 -5.69
CA ILE A 261 19.61 17.41 -5.51
C ILE A 261 18.35 17.90 -4.80
N LEU A 262 17.21 17.67 -5.43
CA LEU A 262 15.90 17.90 -4.83
C LEU A 262 15.28 16.54 -4.57
N ALA A 263 15.05 16.24 -3.29
CA ALA A 263 14.60 14.91 -2.89
C ALA A 263 13.22 14.98 -2.24
N PHE A 264 12.45 13.91 -2.46
CA PHE A 264 11.11 13.77 -1.89
C PHE A 264 11.06 12.54 -1.01
N ARG A 265 10.60 12.73 0.23
CA ARG A 265 10.38 11.63 1.17
C ARG A 265 8.88 11.47 1.38
N PRO A 266 8.25 10.47 0.75
CA PRO A 266 6.77 10.36 0.79
C PRO A 266 6.26 9.75 2.10
N THR A 267 6.12 10.59 3.12
CA THR A 267 5.69 10.14 4.44
C THR A 267 4.18 10.32 4.61
N GLY A 268 3.53 9.32 5.18
CA GLY A 268 2.12 9.46 5.50
C GLY A 268 1.91 10.02 6.89
N TRP A 269 1.40 11.26 6.96
CA TRP A 269 1.10 11.96 8.22
C TRP A 269 2.36 12.28 9.00
N THR A 270 2.48 13.52 9.46
CA THR A 270 3.64 13.94 10.26
C THR A 270 3.21 14.57 11.56
N VAL A 281 4.42 23.09 3.53
CA VAL A 281 5.55 22.16 3.61
C VAL A 281 6.81 22.80 3.04
N ILE A 282 7.86 22.84 3.85
CA ILE A 282 9.14 23.42 3.43
C ILE A 282 10.22 22.37 3.58
N PRO A 283 11.31 22.44 2.81
CA PRO A 283 12.33 21.39 2.87
C PRO A 283 13.44 21.68 3.88
N GLN A 284 14.04 20.60 4.36
CA GLN A 284 15.31 20.70 5.07
C GLN A 284 16.42 20.83 4.04
N THR A 285 17.20 21.89 4.13
CA THR A 285 18.21 22.21 3.12
C THR A 285 19.58 22.31 3.77
N LYS A 286 20.53 21.53 3.27
CA LYS A 286 21.92 21.67 3.69
C LYS A 286 22.81 21.95 2.49
N GLY A 287 22.62 23.11 1.87
CA GLY A 287 23.42 23.51 0.73
C GLY A 287 22.74 23.30 -0.61
N ASN A 288 23.36 22.51 -1.49
CA ASN A 288 22.78 22.16 -2.78
C ASN A 288 21.79 21.00 -2.68
N ILE A 289 21.39 20.63 -1.47
CA ILE A 289 20.50 19.49 -1.23
C ILE A 289 19.30 19.98 -0.45
N SER A 290 18.10 19.61 -0.91
CA SER A 290 16.85 19.89 -0.20
C SER A 290 16.03 18.62 -0.15
N ILE A 291 15.39 18.38 1.00
CA ILE A 291 14.61 17.16 1.24
C ILE A 291 13.19 17.58 1.59
N TYR A 292 12.24 17.21 0.75
CA TYR A 292 10.82 17.48 0.96
C TYR A 292 10.14 16.22 1.51
N GLY A 293 9.58 16.31 2.71
CA GLY A 293 8.68 15.29 3.16
C GLY A 293 7.28 15.59 2.64
N ILE A 294 6.67 14.67 1.90
CA ILE A 294 5.36 14.96 1.33
C ILE A 294 4.33 13.97 1.88
N PRO A 295 3.11 14.42 2.17
CA PRO A 295 2.12 13.59 2.89
C PRO A 295 1.32 12.69 1.95
N TYR A 296 2.02 11.83 1.22
CA TYR A 296 1.38 10.88 0.31
C TYR A 296 1.09 9.61 1.10
N SER A 297 -0.20 9.38 1.38
CA SER A 297 -0.61 8.20 2.12
C SER A 297 -1.37 7.24 1.22
N GLU A 298 -1.15 5.94 1.44
CA GLU A 298 -1.98 4.93 0.81
C GLU A 298 -2.90 4.27 1.84
N HIS A 299 -3.14 4.92 2.97
CA HIS A 299 -4.13 4.51 3.95
C HIS A 299 -5.22 5.57 4.07
N SER A 300 -6.38 5.16 4.59
CA SER A 300 -7.48 6.09 4.81
C SER A 300 -7.09 7.15 5.82
N SER A 301 -7.48 8.39 5.55
CA SER A 301 -7.55 9.37 6.62
C SER A 301 -8.69 9.00 7.56
N TYR A 302 -8.75 9.69 8.71
CA TYR A 302 -9.85 9.44 9.63
C TYR A 302 -11.20 9.67 8.96
N LEU A 303 -11.33 10.81 8.26
CA LEU A 303 -12.63 11.14 7.66
C LEU A 303 -12.99 10.19 6.52
N GLU A 304 -12.00 9.72 5.76
CA GLU A 304 -12.28 8.77 4.70
C GLU A 304 -12.70 7.43 5.28
N MET A 305 -12.04 7.00 6.36
CA MET A 305 -12.41 5.76 7.03
C MET A 305 -13.81 5.85 7.62
N LYS A 306 -14.10 6.97 8.30
CA LYS A 306 -15.41 7.15 8.92
C LYS A 306 -16.52 7.14 7.87
N ARG A 307 -16.29 7.80 6.73
CA ARG A 307 -17.31 7.82 5.69
C ARG A 307 -17.57 6.43 5.15
N PHE A 308 -16.51 5.66 4.90
CA PHE A 308 -16.67 4.31 4.37
C PHE A 308 -17.46 3.43 5.33
N VAL A 309 -17.12 3.47 6.62
CA VAL A 309 -17.76 2.57 7.58
C VAL A 309 -19.23 2.97 7.76
N GLN A 310 -19.50 4.27 7.84
CA GLN A 310 -20.88 4.72 8.01
C GLN A 310 -21.73 4.41 6.78
N TRP A 311 -21.10 4.35 5.60
CA TRP A 311 -21.83 3.93 4.42
C TRP A 311 -22.08 2.42 4.44
N LEU A 312 -21.08 1.65 4.87
CA LEU A 312 -21.19 0.19 4.83
C LEU A 312 -22.14 -0.33 5.91
N LYS A 313 -22.19 0.35 7.05
CA LYS A 313 -23.01 -0.02 8.20
C LYS A 313 -22.80 -1.48 8.61
N PRO A 314 -21.57 -1.89 8.90
CA PRO A 314 -21.35 -3.28 9.31
C PRO A 314 -21.94 -3.54 10.68
N GLN A 315 -22.31 -4.81 10.90
CA GLN A 315 -22.86 -5.19 12.20
C GLN A 315 -21.78 -5.26 13.26
N LYS A 316 -20.56 -5.63 12.87
CA LYS A 316 -19.43 -5.78 13.77
C LYS A 316 -18.16 -5.35 13.07
N ILE A 317 -17.29 -4.63 13.79
CA ILE A 317 -16.00 -4.19 13.27
C ILE A 317 -14.90 -4.84 14.08
N ILE A 318 -13.96 -5.48 13.40
CA ILE A 318 -12.75 -6.05 14.01
C ILE A 318 -11.57 -5.23 13.48
N PRO A 319 -10.96 -4.38 14.30
CA PRO A 319 -9.77 -3.65 13.84
C PRO A 319 -8.61 -4.61 13.60
N THR A 320 -7.80 -4.32 12.59
CA THR A 320 -6.62 -5.13 12.30
C THR A 320 -5.32 -4.36 12.52
N VAL A 321 -5.39 -3.08 12.88
CA VAL A 321 -4.22 -2.24 13.07
C VAL A 321 -4.34 -1.49 14.40
N ASN A 322 -3.22 -1.39 15.12
CA ASN A 322 -3.16 -0.70 16.41
C ASN A 322 -3.99 -1.43 17.45
N VAL A 323 -4.01 -2.76 17.39
CA VAL A 323 -4.79 -3.55 18.32
C VAL A 323 -3.95 -4.09 19.47
N GLY A 324 -2.68 -3.71 19.55
CA GLY A 324 -1.79 -4.30 20.52
C GLY A 324 -1.83 -3.71 21.91
N THR A 325 -2.48 -2.57 22.10
CA THR A 325 -2.62 -1.96 23.42
C THR A 325 -4.10 -1.82 23.77
N TRP A 326 -4.40 -1.96 25.06
CA TRP A 326 -5.79 -1.79 25.50
C TRP A 326 -6.27 -0.37 25.27
N LYS A 327 -5.38 0.61 25.41
CA LYS A 327 -5.78 2.00 25.21
C LYS A 327 -6.19 2.25 23.77
N SER A 328 -5.43 1.73 22.80
CA SER A 328 -5.77 1.95 21.40
C SER A 328 -7.05 1.23 21.02
N ARG A 329 -7.20 -0.03 21.46
CA ARG A 329 -8.43 -0.76 21.20
C ARG A 329 -9.64 -0.04 21.79
N SER A 330 -9.52 0.43 23.03
CA SER A 330 -10.62 1.13 23.67
C SER A 330 -10.95 2.42 22.93
N THR A 331 -9.91 3.13 22.47
CA THR A 331 -10.12 4.39 21.76
C THR A 331 -10.83 4.16 20.43
N MET A 332 -10.45 3.10 19.71
CA MET A 332 -11.11 2.81 18.43
C MET A 332 -12.56 2.40 18.63
N GLU A 333 -12.83 1.57 19.64
CA GLU A 333 -14.21 1.19 19.93
C GLU A 333 -15.09 2.40 20.20
N LYS A 334 -14.54 3.44 20.86
CA LYS A 334 -15.30 4.65 21.11
C LYS A 334 -15.70 5.33 19.80
N TYR A 335 -14.77 5.45 18.86
CA TYR A 335 -15.10 6.07 17.58
C TYR A 335 -16.12 5.24 16.81
N PHE A 336 -15.99 3.90 16.86
CA PHE A 336 -16.95 3.03 16.20
C PHE A 336 -18.35 3.25 16.73
N ARG A 337 -18.51 3.37 18.05
CA ARG A 337 -19.82 3.64 18.64
C ARG A 337 -20.34 5.01 18.21
N GLU A 338 -19.46 6.02 18.21
N GLU A 338 -19.46 6.02 18.20
CA GLU A 338 -19.86 7.35 17.77
CA GLU A 338 -19.86 7.35 17.76
C GLU A 338 -20.33 7.34 16.32
C GLU A 338 -20.34 7.34 16.32
N TRP A 339 -19.62 6.61 15.45
CA TRP A 339 -20.02 6.52 14.05
C TRP A 339 -21.37 5.83 13.91
N LYS A 340 -21.58 4.77 14.68
CA LYS A 340 -22.82 3.99 14.61
C LYS A 340 -24.00 4.79 15.14
N LEU A 341 -23.78 5.55 16.23
CA LEU A 341 -24.85 6.38 16.77
C LEU A 341 -25.21 7.50 15.82
N GLU A 342 -24.20 8.10 15.18
CA GLU A 342 -24.46 9.24 14.29
C GLU A 342 -25.16 8.79 13.01
N ALA A 343 -24.80 7.62 12.49
CA ALA A 343 -25.40 7.13 11.25
C ALA A 343 -26.67 6.34 11.48
N GLY A 344 -26.95 5.92 12.71
CA GLY A 344 -28.19 5.25 13.01
C GLY A 344 -28.25 3.79 12.66
N TYR A 345 -27.11 3.13 12.46
CA TYR A 345 -27.13 1.69 12.24
C TYR A 345 -26.74 0.96 13.52
NI NI B . 0.45 -1.95 3.23
C1 XOB C . 2.06 8.35 11.65
C2 XOB C . 3.27 8.49 11.02
C3 XOB C . 3.77 7.46 10.24
C4 XOB C . 3.04 6.29 10.10
C5 XOB C . 1.80 6.16 10.71
C6 XOB C . 1.32 7.19 11.50
O7 XOB C . 1.05 5.00 10.58
C8 XOB C . 1.47 4.17 9.48
C9 XOB C . 2.97 4.01 9.47
O10 XOB C . 3.58 5.30 9.31
C11 XOB C . 3.49 3.15 8.31
N12 XOB C . 3.08 1.73 8.33
C13 XOB C . 3.72 0.79 9.11
C14 XOB C . 4.83 0.99 10.04
C15 XOB C . 5.20 -0.17 10.65
S16 XOB C . 4.26 -1.53 10.16
C17 XOB C . 3.31 -0.53 9.09
C18 XOB C . 2.26 -0.94 8.28
O19 XOB C . 1.86 -2.10 8.21
N20 XOB C . 1.66 0.02 7.51
C21 XOB C . 2.05 1.34 7.52
O22 XOB C . 1.48 2.17 6.82
O23 XOB C . 0.61 -0.33 6.69
C1 R3Z D . 9.67 2.09 7.90
C2 R3Z D . 8.42 2.64 8.15
C3 R3Z D . 7.29 1.84 8.10
C4 R3Z D . 7.42 0.48 7.82
C5 R3Z D . 8.67 -0.06 7.56
C6 R3Z D . 9.80 0.74 7.61
O7 R3Z D . 8.83 -1.40 7.28
C8 R3Z D . 7.73 -2.20 7.73
C9 R3Z D . 6.40 -1.61 7.32
O10 R3Z D . 6.27 -0.27 7.79
C11 R3Z D . 6.27 -1.56 5.79
N12 R3Z D . 4.94 -1.11 5.34
C13 R3Z D . 4.71 0.19 4.94
C14 R3Z D . 5.65 1.33 4.92
C15 R3Z D . 5.06 2.46 4.44
S16 R3Z D . 3.38 2.27 4.07
C17 R3Z D . 3.45 0.59 4.50
C18 R3Z D . 2.41 -0.34 4.45
O19 R3Z D . 1.28 -0.06 4.07
N20 R3Z D . 2.68 -1.62 4.85
C21 R3Z D . 3.93 -2.03 5.28
O22 R3Z D . 4.13 -3.17 5.63
O23 R3Z D . 1.68 -2.57 4.81
ZN ZN E . 0.33 -2.46 6.52
S SO4 F . 1.61 5.74 4.49
O1 SO4 F . 2.86 6.47 4.29
O2 SO4 F . 0.58 6.66 4.97
O3 SO4 F . 1.18 5.16 3.23
O4 SO4 F . 1.81 4.68 5.46
#